data_1M55
#
_entry.id   1M55
#
_cell.length_a   42.888
_cell.length_b   73.455
_cell.length_c   65.560
_cell.angle_alpha   90.0
_cell.angle_beta   94.491
_cell.angle_gamma   90.0
#
_symmetry.space_group_name_H-M   'P 1 21 1'
#
loop_
_entity.id
_entity.type
_entity.pdbx_description
1 polymer 'Rep protein'
2 non-polymer 'ZINC ION'
3 non-polymer 'CHLORIDE ION'
4 water water
#
_entity_poly.entity_id   1
_entity_poly.type   'polypeptide(L)'
_entity_poly.pdbx_seq_one_letter_code
;MATFYEVIVRVPFDVEEHLPGISDSFVDWVTGQIWELPPESDLNLTLVEQPQLTVADRIRRVFLYEWNKFSKQESKFFVQ
FEKGSEYFHLHTLVETSGISSMVLGRYVSQIRAQLVKVVFQGIEPQINDWVAITKVKKGGANKVVDSGYIPAYLLPKVQP
ELQWAWTNLDEYKLAALNLEERKRLVAQFLAESSQRS
;
_entity_poly.pdbx_strand_id   A,B
#
# COMPACT_ATOMS: atom_id res chain seq x y z
N MET A 1 13.49 20.77 15.08
CA MET A 1 13.37 19.51 14.36
C MET A 1 11.94 19.31 13.85
N ALA A 2 11.75 18.31 13.01
CA ALA A 2 10.43 18.01 12.45
C ALA A 2 9.43 17.62 13.53
N THR A 3 8.20 18.13 13.42
CA THR A 3 7.14 17.84 14.37
C THR A 3 6.15 16.78 13.86
N PHE A 4 5.65 15.95 14.77
CA PHE A 4 4.74 14.85 14.42
C PHE A 4 3.60 14.70 15.41
N TYR A 5 2.51 14.11 14.92
CA TYR A 5 1.35 13.78 15.76
C TYR A 5 1.55 12.28 15.96
N GLU A 6 0.98 11.72 17.01
CA GLU A 6 1.07 10.29 17.24
C GLU A 6 -0.31 9.69 17.39
N VAL A 7 -0.60 8.68 16.60
CA VAL A 7 -1.87 7.99 16.69
C VAL A 7 -1.52 6.53 16.93
N ILE A 8 -2.04 5.97 18.01
CA ILE A 8 -1.78 4.57 18.32
C ILE A 8 -2.98 3.76 17.86
N VAL A 9 -2.71 2.77 17.00
CA VAL A 9 -3.76 1.92 16.49
C VAL A 9 -3.59 0.49 17.02
N ARG A 10 -4.58 0.02 17.77
CA ARG A 10 -4.57 -1.33 18.29
C ARG A 10 -5.03 -2.22 17.13
N VAL A 11 -4.23 -3.23 16.83
CA VAL A 11 -4.49 -4.13 15.71
C VAL A 11 -5.45 -5.29 15.98
N PRO A 12 -6.64 -5.28 15.36
CA PRO A 12 -7.64 -6.33 15.54
C PRO A 12 -7.27 -7.55 14.68
N PHE A 13 -7.44 -8.75 15.21
CA PHE A 13 -7.11 -9.97 14.46
C PHE A 13 -7.89 -11.21 14.90
N ASP A 14 -8.40 -11.19 16.13
CA ASP A 14 -9.15 -12.32 16.70
C ASP A 14 -10.61 -12.23 16.26
N VAL A 15 -11.08 -13.22 15.50
CA VAL A 15 -12.45 -13.20 15.01
C VAL A 15 -13.52 -13.29 16.11
N GLU A 16 -13.15 -13.78 17.28
CA GLU A 16 -14.12 -13.86 18.37
C GLU A 16 -14.08 -12.60 19.24
N GLU A 17 -12.87 -12.28 19.72
CA GLU A 17 -12.65 -11.14 20.60
C GLU A 17 -12.61 -9.77 19.93
N HIS A 18 -12.16 -9.71 18.69
CA HIS A 18 -12.04 -8.42 18.00
C HIS A 18 -12.96 -8.18 16.82
N LEU A 19 -13.14 -9.20 15.99
CA LEU A 19 -13.92 -9.04 14.77
C LEU A 19 -15.11 -9.98 14.55
N PRO A 20 -16.01 -10.11 15.54
CA PRO A 20 -17.16 -10.99 15.33
C PRO A 20 -17.97 -10.55 14.11
N GLY A 21 -18.38 -11.52 13.30
CA GLY A 21 -19.16 -11.20 12.11
C GLY A 21 -18.34 -11.10 10.84
N ILE A 22 -17.01 -11.14 10.95
CA ILE A 22 -16.15 -11.04 9.76
C ILE A 22 -16.19 -12.36 8.99
N SER A 23 -16.00 -12.30 7.67
CA SER A 23 -16.04 -13.51 6.86
C SER A 23 -14.72 -14.28 6.88
N ASP A 24 -14.74 -15.47 6.30
CA ASP A 24 -13.57 -16.34 6.21
C ASP A 24 -12.40 -15.71 5.48
N SER A 25 -12.70 -14.80 4.57
CA SER A 25 -11.65 -14.16 3.78
C SER A 25 -10.59 -13.45 4.62
N PHE A 26 -10.97 -12.97 5.79
CA PHE A 26 -10.00 -12.30 6.68
C PHE A 26 -8.97 -13.30 7.17
N VAL A 27 -9.43 -14.40 7.76
CA VAL A 27 -8.52 -15.43 8.26
C VAL A 27 -7.65 -15.98 7.12
N ASP A 28 -8.27 -16.19 5.95
CA ASP A 28 -7.53 -16.70 4.79
C ASP A 28 -6.42 -15.75 4.40
N TRP A 29 -6.72 -14.45 4.41
CA TRP A 29 -5.74 -13.43 4.06
C TRP A 29 -4.56 -13.39 5.04
N VAL A 30 -4.84 -13.19 6.32
CA VAL A 30 -3.79 -13.09 7.32
C VAL A 30 -2.99 -14.38 7.50
N THR A 31 -3.62 -15.52 7.22
CA THR A 31 -2.96 -16.81 7.35
C THR A 31 -2.06 -17.11 6.16
N GLY A 32 -2.41 -16.61 4.98
CA GLY A 32 -1.63 -16.88 3.78
C GLY A 32 -0.49 -15.95 3.40
N GLN A 33 -0.37 -14.82 4.06
CA GLN A 33 0.70 -13.88 3.74
C GLN A 33 2.04 -14.27 4.35
N ILE A 34 3.05 -14.48 3.50
CA ILE A 34 4.38 -14.84 3.95
C ILE A 34 5.25 -13.59 3.98
N TRP A 35 5.94 -13.37 5.10
CA TRP A 35 6.83 -12.23 5.24
C TRP A 35 8.28 -12.72 5.25
N GLU A 36 9.17 -11.90 4.71
CA GLU A 36 10.59 -12.22 4.67
C GLU A 36 11.34 -10.98 5.14
N LEU A 37 12.44 -11.19 5.85
CA LEU A 37 13.24 -10.08 6.33
C LEU A 37 14.09 -9.55 5.21
N PRO A 38 14.23 -8.22 5.10
CA PRO A 38 15.06 -7.63 4.04
C PRO A 38 16.52 -8.01 4.33
N PRO A 39 17.38 -8.02 3.31
CA PRO A 39 18.80 -8.38 3.51
C PRO A 39 19.50 -7.58 4.60
N GLU A 40 19.15 -6.30 4.73
CA GLU A 40 19.77 -5.41 5.71
C GLU A 40 19.22 -5.52 7.14
N SER A 41 18.24 -6.40 7.35
CA SER A 41 17.66 -6.57 8.68
C SER A 41 18.40 -7.65 9.45
N ASP A 42 18.46 -7.49 10.77
CA ASP A 42 19.12 -8.46 11.63
C ASP A 42 18.14 -8.99 12.68
N LEU A 43 16.85 -8.83 12.39
CA LEU A 43 15.81 -9.30 13.30
C LEU A 43 15.67 -10.82 13.23
N ASN A 44 15.11 -11.39 14.28
CA ASN A 44 14.88 -12.82 14.33
C ASN A 44 13.42 -12.98 13.85
N LEU A 45 13.24 -13.52 12.65
CA LEU A 45 11.91 -13.69 12.09
C LEU A 45 10.97 -14.57 12.91
N THR A 46 11.52 -15.54 13.63
CA THR A 46 10.68 -16.44 14.43
C THR A 46 9.92 -15.69 15.53
N LEU A 47 10.41 -14.52 15.91
CA LEU A 47 9.76 -13.72 16.96
C LEU A 47 8.74 -12.74 16.40
N VAL A 48 8.62 -12.67 15.07
CA VAL A 48 7.67 -11.78 14.43
C VAL A 48 6.37 -12.56 14.18
N GLU A 49 5.25 -11.99 14.63
CA GLU A 49 3.94 -12.62 14.46
C GLU A 49 3.37 -12.18 13.11
N GLN A 50 3.56 -13.00 12.09
CA GLN A 50 3.14 -12.69 10.73
C GLN A 50 1.66 -12.36 10.47
N PRO A 51 0.71 -13.12 11.06
CA PRO A 51 -0.69 -12.81 10.80
C PRO A 51 -1.04 -11.38 11.26
N GLN A 52 -0.56 -11.03 12.45
CA GLN A 52 -0.80 -9.69 12.99
C GLN A 52 -0.06 -8.63 12.17
N LEU A 53 1.15 -8.94 11.74
CA LEU A 53 1.93 -8.03 10.92
C LEU A 53 1.22 -7.75 9.59
N THR A 54 0.59 -8.78 9.05
CA THR A 54 -0.14 -8.64 7.79
C THR A 54 -1.26 -7.62 7.93
N VAL A 55 -2.00 -7.69 9.03
CA VAL A 55 -3.08 -6.73 9.27
C VAL A 55 -2.47 -5.35 9.51
N ALA A 56 -1.41 -5.32 10.31
CA ALA A 56 -0.73 -4.06 10.66
C ALA A 56 -0.24 -3.28 9.44
N ASP A 57 0.40 -3.97 8.49
CA ASP A 57 0.91 -3.28 7.31
C ASP A 57 -0.23 -2.69 6.47
N ARG A 58 -1.33 -3.43 6.36
CA ARG A 58 -2.46 -2.92 5.59
C ARG A 58 -3.04 -1.69 6.28
N ILE A 59 -3.15 -1.75 7.61
CA ILE A 59 -3.66 -0.62 8.37
C ILE A 59 -2.74 0.59 8.13
N ARG A 60 -1.44 0.36 8.26
CA ARG A 60 -0.46 1.42 8.07
C ARG A 60 -0.60 2.11 6.71
N ARG A 61 -0.64 1.32 5.64
CA ARG A 61 -0.76 1.89 4.30
C ARG A 61 -2.08 2.64 4.11
N VAL A 62 -3.20 2.02 4.50
CA VAL A 62 -4.50 2.67 4.35
C VAL A 62 -4.53 3.98 5.15
N PHE A 63 -3.97 3.96 6.35
CA PHE A 63 -3.91 5.13 7.21
C PHE A 63 -3.13 6.24 6.53
N LEU A 64 -1.92 5.92 6.07
CA LEU A 64 -1.06 6.91 5.42
C LEU A 64 -1.65 7.50 4.15
N TYR A 65 -2.26 6.66 3.32
CA TYR A 65 -2.84 7.13 2.07
C TYR A 65 -3.99 8.10 2.36
N GLU A 66 -4.79 7.78 3.37
CA GLU A 66 -5.90 8.63 3.75
C GLU A 66 -5.35 9.94 4.34
N TRP A 67 -4.28 9.84 5.11
CA TRP A 67 -3.64 11.01 5.69
C TRP A 67 -3.14 11.92 4.58
N ASN A 68 -2.51 11.32 3.56
CA ASN A 68 -1.99 12.08 2.42
C ASN A 68 -3.10 12.85 1.72
N LYS A 69 -4.31 12.29 1.73
CA LYS A 69 -5.45 12.97 1.11
C LYS A 69 -5.68 14.31 1.80
N PHE A 70 -5.58 14.30 3.13
CA PHE A 70 -5.79 15.50 3.94
C PHE A 70 -4.59 16.46 3.94
N SER A 71 -3.39 15.93 4.00
CA SER A 71 -2.18 16.76 4.00
C SER A 71 -1.79 17.25 2.61
N LYS A 72 -2.33 16.59 1.58
CA LYS A 72 -2.05 16.89 0.19
C LYS A 72 -0.55 16.86 -0.14
N GLN A 73 0.13 15.85 0.41
CA GLN A 73 1.56 15.63 0.19
C GLN A 73 1.92 14.23 0.69
N GLU A 74 3.11 13.76 0.33
CA GLU A 74 3.56 12.45 0.80
C GLU A 74 4.16 12.73 2.18
N SER A 75 3.32 12.81 3.19
CA SER A 75 3.75 13.09 4.55
C SER A 75 4.83 12.15 5.08
N LYS A 76 5.78 12.72 5.82
CA LYS A 76 6.86 11.95 6.43
C LYS A 76 6.24 11.19 7.60
N PHE A 77 6.76 10.00 7.86
CA PHE A 77 6.24 9.16 8.94
C PHE A 77 7.27 8.19 9.47
N PHE A 78 7.00 7.68 10.66
CA PHE A 78 7.78 6.64 11.30
C PHE A 78 6.71 5.85 12.03
N VAL A 79 6.51 4.61 11.61
CA VAL A 79 5.49 3.74 12.18
C VAL A 79 6.17 2.51 12.76
N GLN A 80 5.88 2.22 14.02
CA GLN A 80 6.46 1.05 14.66
C GLN A 80 5.37 0.11 15.18
N PHE A 81 5.44 -1.15 14.76
CA PHE A 81 4.49 -2.18 15.15
C PHE A 81 5.08 -2.91 16.37
N GLU A 82 4.28 -3.00 17.43
CA GLU A 82 4.73 -3.64 18.67
C GLU A 82 3.72 -4.64 19.24
N LYS A 83 4.24 -5.57 20.03
CA LYS A 83 3.44 -6.58 20.71
C LYS A 83 3.43 -6.09 22.16
N GLY A 84 2.38 -5.38 22.53
CA GLY A 84 2.27 -4.86 23.89
C GLY A 84 1.80 -5.92 24.87
N SER A 85 1.62 -5.52 26.12
CA SER A 85 1.17 -6.46 27.14
C SER A 85 -0.27 -6.91 26.89
N GLU A 86 -1.09 -5.99 26.36
CA GLU A 86 -2.49 -6.28 26.07
C GLU A 86 -2.85 -6.36 24.59
N TYR A 87 -2.20 -5.54 23.77
CA TYR A 87 -2.53 -5.52 22.35
C TYR A 87 -1.35 -5.33 21.42
N PHE A 88 -1.51 -5.83 20.20
CA PHE A 88 -0.51 -5.60 19.16
C PHE A 88 -0.96 -4.19 18.76
N HIS A 89 -0.02 -3.28 18.54
CA HIS A 89 -0.42 -1.92 18.20
C HIS A 89 0.63 -1.21 17.40
N LEU A 90 0.21 -0.14 16.74
CA LEU A 90 1.10 0.67 15.92
C LEU A 90 1.26 2.07 16.48
N HIS A 91 2.50 2.50 16.65
CA HIS A 91 2.80 3.87 17.06
C HIS A 91 2.93 4.53 15.69
N THR A 92 1.94 5.33 15.34
CA THR A 92 1.93 5.99 14.04
C THR A 92 2.29 7.47 14.14
N LEU A 93 3.55 7.79 13.82
CA LEU A 93 4.02 9.16 13.86
C LEU A 93 3.95 9.72 12.44
N VAL A 94 3.16 10.77 12.26
CA VAL A 94 3.03 11.40 10.95
C VAL A 94 3.25 12.89 11.16
N GLU A 95 4.00 13.51 10.26
CA GLU A 95 4.30 14.94 10.41
C GLU A 95 3.04 15.79 10.43
N THR A 96 3.09 16.90 11.18
CA THR A 96 1.97 17.81 11.35
C THR A 96 1.61 18.68 10.15
N SER A 97 2.57 18.88 9.25
CA SER A 97 2.38 19.71 8.07
C SER A 97 1.04 19.55 7.37
N GLY A 98 0.31 20.65 7.24
CA GLY A 98 -0.99 20.63 6.56
C GLY A 98 -2.18 20.16 7.36
N ILE A 99 -1.95 19.72 8.60
CA ILE A 99 -3.04 19.23 9.45
C ILE A 99 -3.11 20.03 10.75
N SER A 100 -4.16 20.85 10.91
CA SER A 100 -4.30 21.64 12.13
C SER A 100 -4.81 20.74 13.25
N SER A 101 -4.36 21.03 14.47
CA SER A 101 -4.74 20.25 15.64
C SER A 101 -6.24 20.18 15.90
N MET A 102 -6.96 21.27 15.66
CA MET A 102 -8.41 21.29 15.91
C MET A 102 -9.22 20.39 14.97
N VAL A 103 -8.68 20.15 13.77
CA VAL A 103 -9.37 19.32 12.79
C VAL A 103 -8.89 17.86 12.80
N LEU A 104 -7.76 17.60 13.45
CA LEU A 104 -7.20 16.25 13.53
C LEU A 104 -8.18 15.18 14.00
N GLY A 105 -9.01 15.52 14.99
CA GLY A 105 -9.98 14.56 15.49
C GLY A 105 -10.91 14.06 14.40
N ARG A 106 -11.45 14.98 13.61
CA ARG A 106 -12.35 14.61 12.52
C ARG A 106 -11.61 13.79 11.46
N TYR A 107 -10.41 14.21 11.11
CA TYR A 107 -9.60 13.50 10.11
C TYR A 107 -9.33 12.06 10.54
N VAL A 108 -8.86 11.88 11.77
CA VAL A 108 -8.56 10.54 12.28
C VAL A 108 -9.82 9.69 12.36
N SER A 109 -10.96 10.33 12.65
CA SER A 109 -12.24 9.63 12.72
C SER A 109 -12.57 9.09 11.31
N GLN A 110 -12.30 9.91 10.29
CA GLN A 110 -12.54 9.51 8.91
C GLN A 110 -11.59 8.38 8.52
N ILE A 111 -10.34 8.46 8.97
CA ILE A 111 -9.37 7.41 8.68
C ILE A 111 -9.83 6.10 9.31
N ARG A 112 -10.33 6.16 10.55
CA ARG A 112 -10.82 4.97 11.22
C ARG A 112 -11.95 4.33 10.42
N ALA A 113 -12.88 5.16 9.92
CA ALA A 113 -13.99 4.67 9.12
C ALA A 113 -13.47 3.98 7.86
N GLN A 114 -12.44 4.55 7.25
CA GLN A 114 -11.85 3.97 6.04
C GLN A 114 -11.20 2.62 6.37
N LEU A 115 -10.54 2.53 7.52
CA LEU A 115 -9.93 1.27 7.93
C LEU A 115 -10.99 0.18 8.09
N VAL A 116 -12.10 0.54 8.71
CA VAL A 116 -13.20 -0.41 8.93
C VAL A 116 -13.69 -0.98 7.60
N LYS A 117 -13.86 -0.12 6.61
CA LYS A 117 -14.34 -0.56 5.31
C LYS A 117 -13.34 -1.38 4.50
N VAL A 118 -12.12 -0.87 4.38
CA VAL A 118 -11.07 -1.53 3.60
C VAL A 118 -10.42 -2.76 4.21
N VAL A 119 -10.01 -2.65 5.47
CA VAL A 119 -9.32 -3.75 6.12
C VAL A 119 -10.24 -4.75 6.81
N PHE A 120 -11.34 -4.25 7.38
CA PHE A 120 -12.24 -5.10 8.14
C PHE A 120 -13.62 -5.44 7.59
N GLN A 121 -13.78 -5.31 6.27
CA GLN A 121 -15.03 -5.65 5.61
C GLN A 121 -16.27 -5.01 6.21
N GLY A 122 -16.13 -3.80 6.74
CA GLY A 122 -17.26 -3.11 7.35
C GLY A 122 -17.57 -3.55 8.76
N ILE A 123 -16.76 -4.43 9.33
CA ILE A 123 -16.97 -4.91 10.70
C ILE A 123 -16.22 -3.99 11.68
N GLU A 124 -16.94 -3.47 12.68
CA GLU A 124 -16.33 -2.60 13.68
C GLU A 124 -15.51 -3.40 14.68
N PRO A 125 -14.22 -3.08 14.84
CA PRO A 125 -13.40 -3.83 15.80
C PRO A 125 -13.90 -3.62 17.23
N GLN A 126 -13.99 -4.72 17.98
CA GLN A 126 -14.46 -4.68 19.37
C GLN A 126 -13.28 -4.49 20.34
N ILE A 127 -12.55 -3.41 20.12
CA ILE A 127 -11.39 -3.05 20.94
C ILE A 127 -11.62 -1.62 21.38
N ASN A 128 -11.51 -1.36 22.67
CA ASN A 128 -11.72 -0.01 23.18
C ASN A 128 -10.64 0.94 22.67
N ASP A 129 -11.07 2.12 22.23
CA ASP A 129 -10.17 3.16 21.73
C ASP A 129 -9.09 2.58 20.83
N TRP A 130 -9.49 1.79 19.84
CA TRP A 130 -8.52 1.17 18.96
C TRP A 130 -7.76 2.12 18.03
N VAL A 131 -8.28 3.33 17.83
CA VAL A 131 -7.58 4.35 17.03
C VAL A 131 -7.58 5.57 17.96
N ALA A 132 -6.45 5.83 18.59
CA ALA A 132 -6.35 6.93 19.55
C ALA A 132 -5.24 7.93 19.30
N ILE A 133 -5.60 9.22 19.29
CA ILE A 133 -4.62 10.29 19.12
C ILE A 133 -3.98 10.53 20.49
N THR A 134 -2.65 10.56 20.54
CA THR A 134 -1.98 10.80 21.81
C THR A 134 -2.19 12.27 22.20
N LYS A 135 -2.62 12.46 23.45
CA LYS A 135 -2.87 13.80 24.00
C LYS A 135 -1.78 14.17 25.00
N VAL A 136 -1.69 15.46 25.30
CA VAL A 136 -0.72 15.96 26.27
C VAL A 136 -1.13 15.41 27.64
N LYS A 137 -2.45 15.31 27.84
CA LYS A 137 -3.06 14.79 29.06
C LYS A 137 -4.53 14.53 28.72
N LYS A 138 -5.21 13.73 29.53
CA LYS A 138 -6.61 13.42 29.27
C LYS A 138 -7.46 14.69 29.10
N GLY A 139 -8.20 14.75 28.00
CA GLY A 139 -9.04 15.90 27.72
C GLY A 139 -8.26 17.10 27.20
N GLY A 140 -6.93 16.95 27.14
CA GLY A 140 -6.08 18.01 26.67
C GLY A 140 -5.89 18.08 25.17
N ALA A 141 -4.92 18.88 24.75
CA ALA A 141 -4.62 19.06 23.33
C ALA A 141 -3.88 17.87 22.74
N ASN A 142 -3.90 17.78 21.42
CA ASN A 142 -3.21 16.70 20.71
C ASN A 142 -1.71 16.92 20.87
N LYS A 143 -1.03 15.89 21.34
CA LYS A 143 0.41 15.96 21.58
C LYS A 143 1.21 16.09 20.29
N VAL A 144 2.24 16.91 20.33
CA VAL A 144 3.12 17.10 19.20
C VAL A 144 4.51 16.77 19.71
N VAL A 145 5.22 15.94 18.98
CA VAL A 145 6.57 15.55 19.35
C VAL A 145 7.49 15.82 18.18
N ASP A 146 8.79 15.90 18.44
CA ASP A 146 9.75 16.12 17.36
C ASP A 146 10.48 14.81 17.07
N SER A 147 11.37 14.84 16.09
CA SER A 147 12.13 13.66 15.67
C SER A 147 12.83 12.91 16.79
N GLY A 148 13.30 13.65 17.81
CA GLY A 148 14.01 13.05 18.93
C GLY A 148 13.24 11.95 19.64
N TYR A 149 11.91 12.03 19.58
CA TYR A 149 11.03 11.03 20.19
C TYR A 149 11.32 9.64 19.62
N ILE A 150 11.75 9.58 18.36
CA ILE A 150 12.05 8.30 17.72
C ILE A 150 13.23 7.58 18.38
N PRO A 151 14.44 8.18 18.39
CA PRO A 151 15.56 7.47 19.04
C PRO A 151 15.42 7.36 20.56
N ALA A 152 14.71 8.30 21.17
CA ALA A 152 14.52 8.30 22.62
C ALA A 152 13.56 7.24 23.14
N TYR A 153 12.46 7.04 22.41
CA TYR A 153 11.42 6.14 22.85
C TYR A 153 11.11 4.92 22.00
N LEU A 154 11.08 5.09 20.68
CA LEU A 154 10.75 3.96 19.80
C LEU A 154 11.91 3.05 19.43
N LEU A 155 13.05 3.63 19.05
CA LEU A 155 14.21 2.83 18.66
C LEU A 155 14.74 1.84 19.71
N PRO A 156 14.65 2.17 21.02
CA PRO A 156 15.14 1.27 22.07
C PRO A 156 14.40 -0.07 22.19
N LYS A 157 13.18 -0.17 21.68
CA LYS A 157 12.42 -1.42 21.78
C LYS A 157 13.16 -2.58 21.11
N VAL A 158 13.14 -3.74 21.76
CA VAL A 158 13.79 -4.94 21.22
C VAL A 158 12.73 -6.03 21.05
N GLN A 159 13.07 -7.12 20.39
CA GLN A 159 12.12 -8.21 20.18
C GLN A 159 11.91 -8.94 21.51
N PRO A 160 10.72 -9.51 21.74
CA PRO A 160 9.54 -9.55 20.87
C PRO A 160 8.62 -8.32 20.90
N GLU A 161 8.89 -7.34 21.77
CA GLU A 161 8.03 -6.15 21.81
C GLU A 161 8.07 -5.49 20.44
N LEU A 162 9.26 -5.30 19.90
CA LEU A 162 9.42 -4.72 18.57
C LEU A 162 9.05 -5.82 17.59
N GLN A 163 8.09 -5.54 16.72
CA GLN A 163 7.66 -6.51 15.72
C GLN A 163 8.10 -6.10 14.31
N TRP A 164 8.00 -4.81 14.00
CA TRP A 164 8.39 -4.30 12.68
C TRP A 164 8.33 -2.78 12.72
N ALA A 165 8.87 -2.13 11.70
CA ALA A 165 8.82 -0.67 11.63
C ALA A 165 9.01 -0.24 10.17
N TRP A 166 8.46 0.93 9.84
CA TRP A 166 8.53 1.49 8.49
C TRP A 166 8.75 2.99 8.62
N THR A 167 9.41 3.58 7.64
CA THR A 167 9.63 5.02 7.64
C THR A 167 10.12 5.52 6.30
N ASN A 168 9.82 6.77 6.00
CA ASN A 168 10.29 7.40 4.77
C ASN A 168 11.26 8.51 5.16
N LEU A 169 11.74 8.48 6.41
CA LEU A 169 12.72 9.44 6.91
C LEU A 169 14.08 8.79 6.67
N ASP A 170 14.87 9.39 5.78
CA ASP A 170 16.19 8.86 5.43
C ASP A 170 17.08 8.54 6.64
N GLU A 171 17.03 9.41 7.64
CA GLU A 171 17.82 9.22 8.85
C GLU A 171 17.51 7.93 9.60
N TYR A 172 16.28 7.44 9.47
CA TYR A 172 15.87 6.23 10.18
C TYR A 172 15.56 5.01 9.33
N LYS A 173 15.75 5.11 8.02
CA LYS A 173 15.46 3.99 7.12
C LYS A 173 16.19 2.70 7.50
N LEU A 174 17.47 2.80 7.82
CA LEU A 174 18.24 1.63 8.20
C LEU A 174 17.85 1.11 9.58
N ALA A 175 17.61 2.04 10.51
CA ALA A 175 17.24 1.69 11.88
C ALA A 175 15.93 0.91 11.99
N ALA A 176 14.98 1.21 11.10
CA ALA A 176 13.67 0.57 11.13
C ALA A 176 13.67 -0.92 11.44
N LEU A 177 14.48 -1.68 10.72
CA LEU A 177 14.53 -3.13 10.92
C LEU A 177 15.91 -3.65 11.33
N ASN A 178 16.75 -2.77 11.86
CA ASN A 178 18.08 -3.16 12.27
C ASN A 178 18.40 -2.74 13.70
N LEU A 179 18.53 -3.74 14.56
CA LEU A 179 18.84 -3.58 15.98
C LEU A 179 20.20 -2.94 16.23
N GLU A 180 21.19 -3.29 15.42
CA GLU A 180 22.53 -2.74 15.59
C GLU A 180 22.50 -1.23 15.30
N GLU A 181 21.78 -0.84 14.24
CA GLU A 181 21.66 0.57 13.89
C GLU A 181 20.87 1.31 14.97
N ARG A 182 19.83 0.67 15.52
CA ARG A 182 19.04 1.27 16.58
C ARG A 182 19.94 1.54 17.78
N LYS A 183 20.79 0.56 18.09
CA LYS A 183 21.74 0.66 19.19
C LYS A 183 22.66 1.87 18.97
N ARG A 184 23.11 2.07 17.73
CA ARG A 184 23.99 3.19 17.42
C ARG A 184 23.27 4.53 17.64
N LEU A 185 22.04 4.64 17.14
CA LEU A 185 21.27 5.87 17.28
C LEU A 185 20.85 6.16 18.72
N VAL A 186 20.56 5.12 19.48
CA VAL A 186 20.19 5.29 20.89
C VAL A 186 21.41 5.84 21.64
N ALA A 187 22.58 5.25 21.36
CA ALA A 187 23.82 5.68 22.01
C ALA A 187 24.09 7.15 21.68
N GLN A 188 23.94 7.51 20.41
CA GLN A 188 24.15 8.87 19.95
C GLN A 188 23.19 9.84 20.64
N PHE A 189 21.94 9.41 20.83
CA PHE A 189 20.95 10.25 21.48
C PHE A 189 21.34 10.54 22.93
N LEU A 190 21.80 9.53 23.65
CA LEU A 190 22.21 9.71 25.04
C LEU A 190 23.42 10.63 25.14
N ALA A 191 24.38 10.44 24.24
CA ALA A 191 25.58 11.25 24.22
C ALA A 191 25.26 12.73 24.06
N GLU A 192 24.29 13.03 23.19
CA GLU A 192 23.88 14.40 22.92
C GLU A 192 22.98 15.01 24.00
N SER A 193 22.54 14.21 24.97
CA SER A 193 21.68 14.70 26.04
C SER A 193 22.35 14.58 27.40
N MET B 1 -9.77 -22.69 -14.25
CA MET B 1 -9.17 -21.41 -14.61
C MET B 1 -9.95 -20.25 -13.99
N ALA B 2 -9.31 -19.52 -13.08
CA ALA B 2 -9.94 -18.39 -12.41
C ALA B 2 -10.29 -17.30 -13.42
N THR B 3 -11.36 -16.55 -13.14
CA THR B 3 -11.80 -15.48 -14.02
C THR B 3 -11.44 -14.11 -13.46
N PHE B 4 -11.14 -13.17 -14.36
CA PHE B 4 -10.73 -11.82 -13.99
C PHE B 4 -11.37 -10.75 -14.87
N TYR B 5 -11.47 -9.55 -14.31
CA TYR B 5 -11.95 -8.39 -15.06
C TYR B 5 -10.65 -7.64 -15.34
N GLU B 6 -10.64 -6.78 -16.35
CA GLU B 6 -9.45 -5.99 -16.64
C GLU B 6 -9.80 -4.52 -16.68
N VAL B 7 -9.07 -3.73 -15.91
CA VAL B 7 -9.29 -2.30 -15.88
C VAL B 7 -7.94 -1.69 -16.26
N ILE B 8 -7.93 -0.88 -17.31
CA ILE B 8 -6.69 -0.24 -17.73
C ILE B 8 -6.69 1.18 -17.19
N VAL B 9 -5.65 1.51 -16.43
CA VAL B 9 -5.51 2.83 -15.86
C VAL B 9 -4.32 3.55 -16.49
N ARG B 10 -4.60 4.67 -17.15
CA ARG B 10 -3.53 5.47 -17.75
C ARG B 10 -2.97 6.31 -16.60
N VAL B 11 -1.65 6.27 -16.44
CA VAL B 11 -0.97 6.95 -15.35
C VAL B 11 -0.62 8.43 -15.58
N PRO B 12 -1.26 9.34 -14.82
CA PRO B 12 -1.01 10.77 -14.95
C PRO B 12 0.28 11.10 -14.19
N PHE B 13 1.12 11.97 -14.75
CA PHE B 13 2.38 12.34 -14.09
C PHE B 13 2.92 13.70 -14.53
N ASP B 14 2.52 14.15 -15.72
CA ASP B 14 2.99 15.43 -16.26
C ASP B 14 2.14 16.55 -15.71
N VAL B 15 2.76 17.48 -14.98
CA VAL B 15 2.01 18.61 -14.39
C VAL B 15 1.40 19.57 -15.40
N GLU B 16 1.87 19.54 -16.63
CA GLU B 16 1.32 20.41 -17.66
C GLU B 16 0.22 19.71 -18.47
N GLU B 17 0.54 18.55 -19.01
CA GLU B 17 -0.41 17.78 -19.83
C GLU B 17 -1.44 16.93 -19.07
N HIS B 18 -1.09 16.49 -17.87
CA HIS B 18 -1.99 15.62 -17.12
C HIS B 18 -2.58 16.19 -15.84
N LEU B 19 -1.77 16.90 -15.08
CA LEU B 19 -2.21 17.41 -13.78
C LEU B 19 -2.09 18.90 -13.53
N PRO B 20 -2.67 19.75 -14.40
CA PRO B 20 -2.58 21.19 -14.20
C PRO B 20 -3.22 21.53 -12.85
N GLY B 21 -2.58 22.44 -12.11
CA GLY B 21 -3.12 22.85 -10.82
C GLY B 21 -2.66 22.06 -9.62
N ILE B 22 -1.87 21.01 -9.83
CA ILE B 22 -1.40 20.21 -8.71
C ILE B 22 -0.26 20.97 -7.99
N SER B 23 -0.10 20.71 -6.69
CA SER B 23 0.95 21.39 -5.92
C SER B 23 2.33 20.75 -6.09
N ASP B 24 3.35 21.42 -5.58
CA ASP B 24 4.73 20.95 -5.65
C ASP B 24 4.97 19.60 -4.99
N SER B 25 4.14 19.26 -4.01
CA SER B 25 4.30 18.01 -3.28
C SER B 25 4.25 16.77 -4.19
N PHE B 26 3.52 16.86 -5.29
CA PHE B 26 3.42 15.73 -6.21
C PHE B 26 4.78 15.47 -6.87
N VAL B 27 5.36 16.51 -7.46
CA VAL B 27 6.67 16.39 -8.12
C VAL B 27 7.74 15.95 -7.12
N ASP B 28 7.71 16.52 -5.91
CA ASP B 28 8.68 16.17 -4.88
C ASP B 28 8.60 14.68 -4.53
N TRP B 29 7.38 14.17 -4.45
CA TRP B 29 7.16 12.76 -4.12
C TRP B 29 7.64 11.82 -5.22
N VAL B 30 7.16 12.04 -6.44
CA VAL B 30 7.52 11.16 -7.55
C VAL B 30 8.99 11.17 -7.92
N THR B 31 9.66 12.30 -7.72
CA THR B 31 11.09 12.36 -8.05
C THR B 31 11.97 11.89 -6.89
N GLY B 32 11.40 11.85 -5.68
CA GLY B 32 12.17 11.43 -4.51
C GLY B 32 12.23 9.94 -4.23
N GLN B 33 11.26 9.19 -4.73
CA GLN B 33 11.20 7.75 -4.51
C GLN B 33 12.23 6.94 -5.31
N ILE B 34 13.06 6.18 -4.61
CA ILE B 34 14.09 5.35 -5.25
C ILE B 34 13.60 3.91 -5.31
N TRP B 35 13.77 3.29 -6.48
CA TRP B 35 13.37 1.90 -6.67
C TRP B 35 14.60 1.03 -6.91
N GLU B 36 14.58 -0.18 -6.38
CA GLU B 36 15.68 -1.12 -6.55
C GLU B 36 15.07 -2.43 -7.03
N LEU B 37 15.81 -3.20 -7.80
CA LEU B 37 15.31 -4.48 -8.28
C LEU B 37 15.48 -5.55 -7.23
N PRO B 38 14.47 -6.41 -7.04
CA PRO B 38 14.54 -7.51 -6.08
C PRO B 38 15.59 -8.49 -6.59
N PRO B 39 16.22 -9.27 -5.68
CA PRO B 39 17.25 -10.25 -6.06
C PRO B 39 16.86 -11.23 -7.15
N GLU B 40 15.57 -11.56 -7.25
CA GLU B 40 15.11 -12.50 -8.25
C GLU B 40 14.62 -11.90 -9.57
N SER B 41 14.81 -10.59 -9.73
CA SER B 41 14.43 -9.92 -10.98
C SER B 41 15.65 -9.89 -11.89
N ASP B 42 15.42 -9.98 -13.20
CA ASP B 42 16.52 -9.93 -14.16
C ASP B 42 16.31 -8.76 -15.12
N LEU B 43 15.46 -7.82 -14.72
CA LEU B 43 15.19 -6.64 -15.54
C LEU B 43 16.38 -5.70 -15.55
N ASN B 44 16.40 -4.80 -16.52
CA ASN B 44 17.45 -3.80 -16.63
C ASN B 44 16.81 -2.54 -16.03
N LEU B 45 17.22 -2.19 -14.82
CA LEU B 45 16.67 -1.03 -14.13
C LEU B 45 16.77 0.30 -14.86
N THR B 46 17.78 0.46 -15.72
CA THR B 46 17.92 1.71 -16.45
C THR B 46 16.77 1.98 -17.41
N LEU B 47 16.04 0.93 -17.79
CA LEU B 47 14.91 1.07 -18.71
C LEU B 47 13.57 1.28 -18.00
N VAL B 48 13.59 1.25 -16.67
CA VAL B 48 12.40 1.46 -15.86
C VAL B 48 12.33 2.95 -15.50
N GLU B 49 11.20 3.58 -15.78
CA GLU B 49 11.00 5.00 -15.49
C GLU B 49 10.45 5.14 -14.07
N GLN B 50 11.33 5.41 -13.12
CA GLN B 50 10.96 5.51 -11.71
C GLN B 50 9.88 6.50 -11.27
N PRO B 51 9.89 7.75 -11.78
CA PRO B 51 8.84 8.66 -11.34
C PRO B 51 7.45 8.13 -11.71
N GLN B 52 7.33 7.61 -12.93
CA GLN B 52 6.05 7.06 -13.40
C GLN B 52 5.69 5.83 -12.59
N LEU B 53 6.68 4.98 -12.32
CA LEU B 53 6.47 3.77 -11.53
C LEU B 53 5.98 4.12 -10.12
N THR B 54 6.52 5.20 -9.55
CA THR B 54 6.12 5.64 -8.22
C THR B 54 4.62 5.94 -8.18
N VAL B 55 4.13 6.65 -9.19
CA VAL B 55 2.71 6.97 -9.26
C VAL B 55 1.92 5.68 -9.49
N ALA B 56 2.41 4.85 -10.41
CA ALA B 56 1.74 3.60 -10.75
C ALA B 56 1.54 2.67 -9.55
N ASP B 57 2.57 2.50 -8.72
CA ASP B 57 2.43 1.63 -7.55
C ASP B 57 1.40 2.17 -6.58
N ARG B 58 1.36 3.49 -6.39
CA ARG B 58 0.41 4.08 -5.48
C ARG B 58 -1.00 3.87 -6.02
N ILE B 59 -1.19 4.07 -7.32
CA ILE B 59 -2.49 3.87 -7.96
C ILE B 59 -2.91 2.42 -7.76
N ARG B 60 -2.00 1.50 -8.04
CA ARG B 60 -2.27 0.07 -7.90
C ARG B 60 -2.74 -0.30 -6.49
N ARG B 61 -1.99 0.15 -5.48
CA ARG B 61 -2.35 -0.17 -4.09
C ARG B 61 -3.69 0.44 -3.70
N VAL B 62 -3.90 1.72 -4.00
CA VAL B 62 -5.16 2.37 -3.66
C VAL B 62 -6.32 1.67 -4.37
N PHE B 63 -6.12 1.31 -5.64
CA PHE B 63 -7.14 0.63 -6.43
C PHE B 63 -7.51 -0.71 -5.81
N LEU B 64 -6.49 -1.52 -5.51
CA LEU B 64 -6.72 -2.84 -4.93
C LEU B 64 -7.37 -2.81 -3.56
N TYR B 65 -6.94 -1.90 -2.71
CA TYR B 65 -7.52 -1.79 -1.36
C TYR B 65 -9.00 -1.40 -1.46
N GLU B 66 -9.33 -0.48 -2.36
CA GLU B 66 -10.73 -0.08 -2.56
C GLU B 66 -11.51 -1.27 -3.11
N TRP B 67 -10.89 -2.00 -4.03
CA TRP B 67 -11.53 -3.18 -4.61
C TRP B 67 -11.85 -4.18 -3.49
N ASN B 68 -10.89 -4.40 -2.59
CA ASN B 68 -11.06 -5.32 -1.47
C ASN B 68 -12.25 -4.90 -0.60
N LYS B 69 -12.49 -3.60 -0.51
CA LYS B 69 -13.62 -3.09 0.28
C LYS B 69 -14.91 -3.65 -0.32
N PHE B 70 -14.99 -3.66 -1.64
CA PHE B 70 -16.17 -4.14 -2.36
C PHE B 70 -16.28 -5.66 -2.43
N SER B 71 -15.15 -6.33 -2.67
CA SER B 71 -15.15 -7.80 -2.79
C SER B 71 -15.20 -8.49 -1.42
N LYS B 72 -14.84 -7.75 -0.38
CA LYS B 72 -14.79 -8.26 1.00
C LYS B 72 -13.85 -9.45 1.15
N GLN B 73 -12.72 -9.38 0.45
CA GLN B 73 -11.68 -10.41 0.50
C GLN B 73 -10.40 -9.83 -0.07
N GLU B 74 -9.29 -10.54 0.12
CA GLU B 74 -8.01 -10.09 -0.43
C GLU B 74 -8.01 -10.67 -1.84
N SER B 75 -8.65 -9.95 -2.76
CA SER B 75 -8.79 -10.38 -4.14
C SER B 75 -7.46 -10.68 -4.85
N LYS B 76 -7.47 -11.76 -5.63
CA LYS B 76 -6.29 -12.13 -6.40
C LYS B 76 -6.18 -11.12 -7.54
N PHE B 77 -4.95 -10.83 -7.95
CA PHE B 77 -4.72 -9.87 -9.01
C PHE B 77 -3.39 -10.11 -9.70
N PHE B 78 -3.27 -9.54 -10.90
CA PHE B 78 -2.04 -9.53 -11.66
C PHE B 78 -2.09 -8.17 -12.32
N VAL B 79 -1.18 -7.29 -11.92
CA VAL B 79 -1.14 -5.93 -12.44
C VAL B 79 0.18 -5.72 -13.16
N GLN B 80 0.11 -5.24 -14.40
CA GLN B 80 1.31 -5.00 -15.17
C GLN B 80 1.37 -3.55 -15.64
N PHE B 81 2.48 -2.88 -15.32
CA PHE B 81 2.73 -1.49 -15.69
C PHE B 81 3.51 -1.47 -17.00
N GLU B 82 3.02 -0.71 -17.97
CA GLU B 82 3.66 -0.65 -19.28
C GLU B 82 3.83 0.77 -19.80
N LYS B 83 4.81 0.94 -20.68
CA LYS B 83 5.07 2.20 -21.34
C LYS B 83 4.50 2.00 -22.74
N GLY B 84 3.29 2.48 -22.96
CA GLY B 84 2.67 2.33 -24.27
C GLY B 84 3.11 3.40 -25.24
N SER B 85 2.57 3.36 -26.45
CA SER B 85 2.93 4.36 -27.47
C SER B 85 2.43 5.76 -27.10
N GLU B 86 1.32 5.83 -26.37
CA GLU B 86 0.74 7.12 -25.97
C GLU B 86 0.76 7.37 -24.47
N TYR B 87 0.58 6.33 -23.67
CA TYR B 87 0.54 6.51 -22.23
C TYR B 87 1.18 5.38 -21.44
N PHE B 88 1.67 5.73 -20.25
CA PHE B 88 2.18 4.74 -19.32
C PHE B 88 0.83 4.26 -18.77
N HIS B 89 0.65 2.96 -18.60
CA HIS B 89 -0.64 2.47 -18.13
C HIS B 89 -0.51 1.15 -17.41
N LEU B 90 -1.54 0.84 -16.63
CA LEU B 90 -1.59 -0.39 -15.86
C LEU B 90 -2.69 -1.31 -16.35
N HIS B 91 -2.34 -2.56 -16.65
CA HIS B 91 -3.33 -3.58 -17.02
C HIS B 91 -3.61 -4.16 -15.64
N THR B 92 -4.78 -3.83 -15.09
CA THR B 92 -5.15 -4.28 -13.77
C THR B 92 -6.13 -5.45 -13.85
N LEU B 93 -5.63 -6.66 -13.66
CA LEU B 93 -6.46 -7.85 -13.68
C LEU B 93 -6.79 -8.22 -12.25
N VAL B 94 -8.08 -8.22 -11.90
CA VAL B 94 -8.51 -8.57 -10.56
C VAL B 94 -9.60 -9.63 -10.71
N GLU B 95 -9.56 -10.65 -9.87
CA GLU B 95 -10.53 -11.72 -9.97
C GLU B 95 -11.97 -11.22 -9.82
N THR B 96 -12.89 -11.94 -10.46
CA THR B 96 -14.29 -11.58 -10.44
C THR B 96 -15.05 -11.88 -9.14
N SER B 97 -14.51 -12.76 -8.31
CA SER B 97 -15.16 -13.15 -7.06
C SER B 97 -15.74 -12.03 -6.23
N GLY B 98 -17.03 -12.14 -5.94
CA GLY B 98 -17.71 -11.15 -5.12
C GLY B 98 -18.10 -9.85 -5.81
N ILE B 99 -17.75 -9.71 -7.08
CA ILE B 99 -18.07 -8.50 -7.83
C ILE B 99 -18.88 -8.90 -9.06
N SER B 100 -20.18 -8.64 -9.06
CA SER B 100 -20.98 -9.01 -10.22
C SER B 100 -20.69 -8.04 -11.37
N SER B 101 -20.86 -8.53 -12.59
CA SER B 101 -20.59 -7.70 -13.76
C SER B 101 -21.44 -6.43 -13.80
N MET B 102 -22.70 -6.51 -13.36
CA MET B 102 -23.55 -5.32 -13.41
C MET B 102 -23.20 -4.24 -12.41
N VAL B 103 -22.48 -4.58 -11.36
CA VAL B 103 -22.08 -3.59 -10.35
C VAL B 103 -20.66 -3.05 -10.57
N LEU B 104 -19.89 -3.75 -11.41
CA LEU B 104 -18.51 -3.37 -11.70
C LEU B 104 -18.29 -1.90 -12.04
N GLY B 105 -19.09 -1.38 -12.98
CA GLY B 105 -18.97 0.00 -13.41
C GLY B 105 -19.04 0.99 -12.26
N ARG B 106 -20.06 0.83 -11.42
CA ARG B 106 -20.27 1.70 -10.26
C ARG B 106 -19.11 1.62 -9.28
N TYR B 107 -18.63 0.41 -9.03
CA TYR B 107 -17.52 0.22 -8.10
C TYR B 107 -16.26 0.89 -8.65
N VAL B 108 -15.96 0.66 -9.92
CA VAL B 108 -14.77 1.25 -10.53
C VAL B 108 -14.84 2.78 -10.52
N SER B 109 -16.04 3.33 -10.69
CA SER B 109 -16.23 4.77 -10.68
C SER B 109 -15.87 5.32 -9.29
N GLN B 110 -16.26 4.59 -8.24
CA GLN B 110 -15.94 4.99 -6.88
C GLN B 110 -14.44 4.86 -6.61
N ILE B 111 -13.81 3.85 -7.20
CA ILE B 111 -12.38 3.66 -7.05
C ILE B 111 -11.65 4.85 -7.70
N ARG B 112 -12.12 5.25 -8.88
CA ARG B 112 -11.54 6.37 -9.59
C ARG B 112 -11.59 7.63 -8.72
N ALA B 113 -12.72 7.86 -8.05
CA ALA B 113 -12.89 9.01 -7.18
C ALA B 113 -11.86 8.99 -6.04
N GLN B 114 -11.63 7.81 -5.46
CA GLN B 114 -10.67 7.66 -4.38
C GLN B 114 -9.26 7.95 -4.89
N LEU B 115 -8.96 7.50 -6.11
CA LEU B 115 -7.64 7.74 -6.71
C LEU B 115 -7.36 9.23 -6.82
N VAL B 116 -8.36 9.97 -7.31
CA VAL B 116 -8.22 11.42 -7.48
C VAL B 116 -7.92 12.08 -6.12
N LYS B 117 -8.62 11.65 -5.08
CA LYS B 117 -8.42 12.21 -3.74
C LYS B 117 -7.11 11.86 -3.06
N VAL B 118 -6.72 10.59 -3.12
CA VAL B 118 -5.51 10.12 -2.47
C VAL B 118 -4.21 10.35 -3.23
N VAL B 119 -4.20 10.00 -4.51
CA VAL B 119 -3.00 10.14 -5.31
C VAL B 119 -2.83 11.50 -5.98
N PHE B 120 -3.94 12.12 -6.37
CA PHE B 120 -3.85 13.39 -7.10
C PHE B 120 -4.32 14.67 -6.45
N GLN B 121 -4.32 14.69 -5.12
CA GLN B 121 -4.71 15.87 -4.34
C GLN B 121 -6.01 16.52 -4.78
N GLY B 122 -6.94 15.71 -5.28
CA GLY B 122 -8.21 16.24 -5.72
C GLY B 122 -8.20 16.84 -7.10
N ILE B 123 -7.06 16.75 -7.79
CA ILE B 123 -6.92 17.27 -9.15
C ILE B 123 -7.32 16.20 -10.14
N GLU B 124 -8.25 16.55 -11.04
CA GLU B 124 -8.73 15.61 -12.05
C GLU B 124 -7.72 15.45 -13.18
N PRO B 125 -7.29 14.22 -13.46
CA PRO B 125 -6.33 13.99 -14.54
C PRO B 125 -6.93 14.36 -15.89
N GLN B 126 -6.17 15.10 -16.69
CA GLN B 126 -6.60 15.53 -18.01
C GLN B 126 -6.20 14.51 -19.07
N ILE B 127 -6.65 13.27 -18.86
CA ILE B 127 -6.36 12.18 -19.76
C ILE B 127 -7.71 11.53 -20.05
N ASN B 128 -8.04 11.37 -21.33
CA ASN B 128 -9.30 10.76 -21.72
C ASN B 128 -9.37 9.31 -21.25
N ASP B 129 -10.54 8.92 -20.74
CA ASP B 129 -10.79 7.55 -20.27
C ASP B 129 -9.61 6.98 -19.52
N TRP B 130 -9.11 7.72 -18.53
CA TRP B 130 -7.95 7.26 -17.79
C TRP B 130 -8.18 6.01 -16.93
N VAL B 131 -9.43 5.72 -16.58
CA VAL B 131 -9.76 4.50 -15.84
C VAL B 131 -10.83 3.82 -16.68
N ALA B 132 -10.44 2.80 -17.44
CA ALA B 132 -11.36 2.12 -18.35
C ALA B 132 -11.48 0.62 -18.16
N ILE B 133 -12.70 0.15 -18.03
CA ILE B 133 -12.98 -1.28 -17.89
C ILE B 133 -12.97 -1.86 -19.31
N THR B 134 -12.23 -2.94 -19.50
CA THR B 134 -12.18 -3.57 -20.82
C THR B 134 -13.52 -4.22 -21.13
N LYS B 135 -14.05 -3.93 -22.32
CA LYS B 135 -15.33 -4.46 -22.76
C LYS B 135 -15.10 -5.47 -23.88
N VAL B 136 -16.12 -6.27 -24.18
CA VAL B 136 -16.04 -7.25 -25.26
C VAL B 136 -15.95 -6.50 -26.58
N LYS B 137 -16.61 -5.35 -26.63
CA LYS B 137 -16.62 -4.46 -27.79
C LYS B 137 -17.20 -3.14 -27.33
N LYS B 138 -17.03 -2.09 -28.12
CA LYS B 138 -17.54 -0.77 -27.75
C LYS B 138 -19.03 -0.84 -27.43
N GLY B 139 -19.40 -0.35 -26.25
CA GLY B 139 -20.78 -0.37 -25.82
C GLY B 139 -21.29 -1.73 -25.41
N GLY B 140 -20.37 -2.71 -25.35
CA GLY B 140 -20.73 -4.07 -24.99
C GLY B 140 -20.51 -4.39 -23.53
N ALA B 141 -20.66 -5.67 -23.20
CA ALA B 141 -20.49 -6.16 -21.84
C ALA B 141 -19.05 -6.10 -21.33
N ASN B 142 -18.90 -6.16 -20.01
CA ASN B 142 -17.59 -6.15 -19.38
C ASN B 142 -16.92 -7.46 -19.76
N LYS B 143 -15.67 -7.38 -20.23
CA LYS B 143 -14.93 -8.57 -20.64
C LYS B 143 -14.44 -9.36 -19.42
N VAL B 144 -14.55 -10.67 -19.51
CA VAL B 144 -14.08 -11.55 -18.44
C VAL B 144 -13.08 -12.48 -19.09
N VAL B 145 -11.87 -12.51 -18.54
CA VAL B 145 -10.80 -13.35 -19.07
C VAL B 145 -10.38 -14.33 -17.98
N ASP B 146 -9.74 -15.43 -18.36
CA ASP B 146 -9.28 -16.38 -17.37
C ASP B 146 -7.78 -16.20 -17.21
N SER B 147 -7.18 -16.94 -16.28
CA SER B 147 -5.75 -16.83 -16.01
C SER B 147 -4.84 -17.00 -17.21
N GLY B 148 -5.30 -17.74 -18.22
CA GLY B 148 -4.49 -17.96 -19.42
C GLY B 148 -4.14 -16.67 -20.13
N TYR B 149 -4.96 -15.63 -19.93
CA TYR B 149 -4.75 -14.32 -20.53
C TYR B 149 -3.39 -13.77 -20.07
N ILE B 150 -2.96 -14.14 -18.87
CA ILE B 150 -1.68 -13.65 -18.34
C ILE B 150 -0.49 -14.15 -19.19
N PRO B 151 -0.28 -15.47 -19.30
CA PRO B 151 0.86 -15.92 -20.11
C PRO B 151 0.68 -15.65 -21.60
N ALA B 152 -0.57 -15.62 -22.06
CA ALA B 152 -0.85 -15.39 -23.47
C ALA B 152 -0.59 -13.96 -23.94
N TYR B 153 -1.01 -13.00 -23.14
CA TYR B 153 -0.92 -11.60 -23.51
C TYR B 153 -0.03 -10.67 -22.70
N LEU B 154 -0.03 -10.81 -21.38
CA LEU B 154 0.77 -9.93 -20.54
C LEU B 154 2.23 -10.34 -20.36
N LEU B 155 2.48 -11.62 -20.09
CA LEU B 155 3.85 -12.09 -19.89
C LEU B 155 4.84 -11.87 -21.04
N PRO B 156 4.38 -11.94 -22.31
CA PRO B 156 5.28 -11.75 -23.46
C PRO B 156 5.92 -10.37 -23.57
N LYS B 157 5.35 -9.35 -22.93
CA LYS B 157 5.91 -8.01 -23.02
C LYS B 157 7.35 -7.96 -22.49
N VAL B 158 8.20 -7.25 -23.22
CA VAL B 158 9.61 -7.11 -22.83
C VAL B 158 9.89 -5.63 -22.64
N GLN B 159 11.06 -5.30 -22.08
CA GLN B 159 11.42 -3.91 -21.87
C GLN B 159 11.72 -3.26 -23.22
N PRO B 160 11.47 -1.94 -23.35
CA PRO B 160 10.93 -1.02 -22.36
C PRO B 160 9.41 -0.97 -22.21
N GLU B 161 8.68 -1.70 -23.03
CA GLU B 161 7.22 -1.69 -22.89
C GLU B 161 6.86 -2.17 -21.49
N LEU B 162 7.43 -3.31 -21.10
CA LEU B 162 7.22 -3.85 -19.76
C LEU B 162 8.00 -2.94 -18.81
N GLN B 163 7.32 -2.36 -17.83
CA GLN B 163 7.97 -1.50 -16.86
C GLN B 163 8.10 -2.18 -15.49
N TRP B 164 7.02 -2.84 -15.05
CA TRP B 164 7.00 -3.52 -13.75
C TRP B 164 5.72 -4.35 -13.68
N ALA B 165 5.61 -5.24 -12.70
CA ALA B 165 4.41 -6.05 -12.51
C ALA B 165 4.34 -6.51 -11.07
N TRP B 166 3.12 -6.79 -10.62
CA TRP B 166 2.86 -7.23 -9.25
C TRP B 166 1.77 -8.29 -9.29
N THR B 167 1.81 -9.23 -8.36
CA THR B 167 0.78 -10.26 -8.31
C THR B 167 0.81 -11.00 -6.98
N ASN B 168 -0.34 -11.52 -6.58
CA ASN B 168 -0.44 -12.33 -5.38
C ASN B 168 -0.85 -13.75 -5.80
N LEU B 169 -0.68 -14.05 -7.08
CA LEU B 169 -0.97 -15.37 -7.64
C LEU B 169 0.36 -16.12 -7.58
N ASP B 170 0.42 -17.16 -6.76
CA ASP B 170 1.64 -17.96 -6.59
C ASP B 170 2.29 -18.40 -7.87
N GLU B 171 1.48 -18.83 -8.83
CA GLU B 171 1.96 -19.30 -10.12
C GLU B 171 2.74 -18.23 -10.92
N TYR B 172 2.42 -16.96 -10.67
CA TYR B 172 3.05 -15.87 -11.41
C TYR B 172 3.96 -14.94 -10.63
N LYS B 173 4.15 -15.22 -9.34
CA LYS B 173 5.01 -14.38 -8.51
C LYS B 173 6.40 -14.17 -9.08
N LEU B 174 7.05 -15.25 -9.52
CA LEU B 174 8.39 -15.13 -10.08
C LEU B 174 8.36 -14.41 -11.43
N ALA B 175 7.38 -14.77 -12.27
CA ALA B 175 7.25 -14.17 -13.59
C ALA B 175 7.10 -12.65 -13.61
N ALA B 176 6.47 -12.11 -12.57
CA ALA B 176 6.24 -10.67 -12.49
C ALA B 176 7.41 -9.79 -12.89
N LEU B 177 8.58 -10.05 -12.32
CA LEU B 177 9.76 -9.25 -12.62
C LEU B 177 10.92 -10.07 -13.19
N ASN B 178 10.61 -11.22 -13.77
CA ASN B 178 11.66 -12.07 -14.30
C ASN B 178 11.36 -12.48 -15.74
N LEU B 179 12.13 -11.93 -16.67
CA LEU B 179 12.00 -12.20 -18.10
C LEU B 179 12.22 -13.65 -18.47
N GLU B 180 13.16 -14.30 -17.79
CA GLU B 180 13.46 -15.70 -18.06
C GLU B 180 12.27 -16.59 -17.71
N GLU B 181 11.61 -16.29 -16.59
CA GLU B 181 10.44 -17.06 -16.16
C GLU B 181 9.28 -16.78 -17.10
N ARG B 182 9.12 -15.52 -17.50
CA ARG B 182 8.06 -15.15 -18.44
C ARG B 182 8.25 -15.97 -19.71
N LYS B 183 9.50 -16.07 -20.16
CA LYS B 183 9.83 -16.84 -21.37
C LYS B 183 9.42 -18.31 -21.20
N ARG B 184 9.68 -18.87 -20.03
CA ARG B 184 9.33 -20.26 -19.75
C ARG B 184 7.81 -20.47 -19.80
N LEU B 185 7.07 -19.59 -19.15
CA LEU B 185 5.62 -19.70 -19.11
C LEU B 185 4.98 -19.43 -20.47
N VAL B 186 5.59 -18.56 -21.27
CA VAL B 186 5.07 -18.27 -22.61
C VAL B 186 5.27 -19.51 -23.47
N ALA B 187 6.43 -20.15 -23.34
CA ALA B 187 6.73 -21.36 -24.11
C ALA B 187 5.74 -22.46 -23.72
N GLN B 188 5.50 -22.60 -22.43
CA GLN B 188 4.58 -23.60 -21.90
C GLN B 188 3.16 -23.37 -22.43
N PHE B 189 2.74 -22.11 -22.48
CA PHE B 189 1.41 -21.78 -22.97
C PHE B 189 1.26 -22.21 -24.43
N LEU B 190 2.30 -22.00 -25.23
CA LEU B 190 2.26 -22.38 -26.64
C LEU B 190 2.22 -23.89 -26.82
N ALA B 191 3.05 -24.59 -26.06
CA ALA B 191 3.12 -26.04 -26.12
C ALA B 191 1.79 -26.69 -25.73
N GLU B 192 1.04 -26.04 -24.86
CA GLU B 192 -0.24 -26.56 -24.40
C GLU B 192 -1.43 -26.28 -25.34
N SER B 193 -1.16 -25.59 -26.45
CA SER B 193 -2.21 -25.28 -27.41
C SER B 193 -1.76 -25.53 -28.85
#